data_9ISJ
#
_entry.id   9ISJ
#
_cell.length_a   54.173
_cell.length_b   54.173
_cell.length_c   330.044
_cell.angle_alpha   90.000
_cell.angle_beta   90.000
_cell.angle_gamma   120.000
#
_symmetry.space_group_name_H-M   'P 61 2 2'
#
loop_
_entity.id
_entity.type
_entity.pdbx_description
1 polymer 'Cell division protein ZapA'
2 non-polymer 'CHLORIDE ION'
3 water water
#
_entity_poly.entity_id   1
_entity_poly.type   'polypeptide(L)'
_entity_poly.pdbx_seq_one_letter_code
;MSAQPVDLQIFGRSLRVNCPPEQRDALNQAAEDLNQRLQDLKERTRVTNTEQLVFIAALNISYELTQEKAKTRDYASSME
QRIRMLQQTIEQALLEQGRISERPGSKFE
;
_entity_poly.pdbx_strand_id   A,B
#
# COMPACT_ATOMS: atom_id res chain seq x y z
N GLN A 4 11.41 -27.64 -4.05
CA GLN A 4 12.71 -27.08 -3.56
C GLN A 4 12.54 -26.81 -2.06
N PRO A 5 12.59 -27.83 -1.16
CA PRO A 5 12.17 -27.65 0.23
C PRO A 5 13.17 -26.81 1.03
N VAL A 6 12.69 -25.77 1.72
CA VAL A 6 13.54 -24.93 2.54
C VAL A 6 13.08 -25.10 3.98
N ASP A 7 14.02 -25.36 4.88
CA ASP A 7 13.68 -25.54 6.29
C ASP A 7 13.93 -24.22 6.98
N LEU A 8 12.93 -23.74 7.75
CA LEU A 8 12.93 -22.47 8.45
C LEU A 8 12.66 -22.74 9.93
N GLN A 9 13.09 -21.77 10.74
CA GLN A 9 12.85 -21.78 12.16
C GLN A 9 12.18 -20.47 12.52
N ILE A 10 10.95 -20.56 13.04
CA ILE A 10 10.17 -19.38 13.38
C ILE A 10 9.55 -19.61 14.75
N PHE A 11 10.00 -18.79 15.68
CA PHE A 11 9.45 -18.67 17.01
C PHE A 11 9.47 -20.03 17.69
N GLY A 12 10.59 -20.77 17.51
CA GLY A 12 10.80 -22.08 18.11
C GLY A 12 10.15 -23.21 17.34
N ARG A 13 9.65 -22.96 16.13
CA ARG A 13 8.95 -23.99 15.37
C ARG A 13 9.70 -24.23 14.07
N SER A 14 9.74 -25.50 13.67
CA SER A 14 10.41 -25.97 12.45
C SER A 14 9.41 -25.97 11.33
N LEU A 15 9.72 -25.28 10.26
CA LEU A 15 8.79 -25.27 9.14
C LEU A 15 9.56 -25.67 7.92
N ARG A 16 8.83 -26.28 7.00
CA ARG A 16 9.36 -26.55 5.68
C ARG A 16 8.43 -25.92 4.66
N VAL A 17 9.02 -25.21 3.69
CA VAL A 17 8.27 -24.48 2.67
C VAL A 17 8.98 -24.69 1.34
N ASN A 18 8.22 -24.99 0.26
CA ASN A 18 8.82 -25.09 -1.07
C ASN A 18 9.01 -23.67 -1.59
N CYS A 19 10.25 -23.38 -1.97
CA CYS A 19 10.58 -22.02 -2.32
C CYS A 19 11.74 -22.07 -3.30
N PRO A 20 11.58 -21.52 -4.51
CA PRO A 20 12.69 -21.42 -5.44
C PRO A 20 13.76 -20.46 -4.93
N PRO A 21 15.03 -20.57 -5.39
CA PRO A 21 16.11 -19.68 -4.95
C PRO A 21 15.91 -18.19 -5.19
N GLU A 22 15.20 -17.86 -6.27
CA GLU A 22 14.91 -16.49 -6.63
C GLU A 22 13.99 -15.88 -5.59
N GLN A 23 13.34 -16.69 -4.71
CA GLN A 23 12.44 -16.14 -3.71
C GLN A 23 13.02 -16.33 -2.32
N ARG A 24 14.24 -16.86 -2.24
CA ARG A 24 14.77 -17.25 -0.96
C ARG A 24 14.98 -16.05 -0.04
N ASP A 25 15.56 -14.97 -0.56
CA ASP A 25 15.74 -13.78 0.27
C ASP A 25 14.41 -13.27 0.83
N ALA A 26 13.39 -13.24 -0.02
CA ALA A 26 12.05 -12.81 0.42
C ALA A 26 11.50 -13.74 1.53
N LEU A 27 11.79 -15.04 1.42
CA LEU A 27 11.36 -16.02 2.39
C LEU A 27 12.06 -15.79 3.72
N ASN A 28 13.38 -15.55 3.67
CA ASN A 28 14.13 -15.22 4.87
C ASN A 28 13.61 -13.96 5.54
N GLN A 29 13.23 -12.93 4.75
CA GLN A 29 12.72 -11.66 5.27
C GLN A 29 11.35 -11.87 5.92
N ALA A 30 10.52 -12.68 5.27
CA ALA A 30 9.21 -13.00 5.81
C ALA A 30 9.32 -13.80 7.12
N ALA A 31 10.26 -14.78 7.18
CA ALA A 31 10.50 -15.53 8.41
C ALA A 31 10.92 -14.60 9.53
N GLU A 32 11.83 -13.67 9.22
CA GLU A 32 12.30 -12.67 10.17
C GLU A 32 11.17 -11.76 10.62
N ASP A 33 10.33 -11.30 9.69
CA ASP A 33 9.17 -10.47 10.01
C ASP A 33 8.21 -11.22 10.95
N LEU A 34 7.89 -12.48 10.65
CA LEU A 34 6.90 -13.21 11.42
C LEU A 34 7.46 -13.54 12.81
N ASN A 35 8.76 -13.87 12.87
CA ASN A 35 9.43 -14.02 14.15
C ASN A 35 9.26 -12.81 15.05
N GLN A 36 9.57 -11.63 14.53
CA GLN A 36 9.48 -10.37 15.27
C GLN A 36 8.05 -10.07 15.69
N ARG A 37 7.09 -10.24 14.75
CA ARG A 37 5.66 -10.03 15.02
C ARG A 37 5.15 -10.87 16.21
N LEU A 38 5.58 -12.12 16.26
CA LEU A 38 5.12 -13.05 17.29
C LEU A 38 5.75 -12.68 18.62
N GLN A 39 7.02 -12.25 18.60
CA GLN A 39 7.71 -11.81 19.80
C GLN A 39 7.03 -10.57 20.37
N ASP A 40 6.68 -9.58 19.54
CA ASP A 40 6.01 -8.34 19.95
C ASP A 40 4.60 -8.63 20.45
N LEU A 41 3.87 -9.52 19.75
CA LEU A 41 2.53 -9.90 20.16
C LEU A 41 2.60 -10.55 21.54
N LYS A 42 3.52 -11.51 21.74
CA LYS A 42 3.67 -12.16 23.05
C LYS A 42 3.94 -11.15 24.17
N GLU A 43 4.79 -10.15 23.90
CA GLU A 43 5.12 -9.12 24.86
C GLU A 43 3.90 -8.30 25.27
N ARG A 44 3.07 -7.85 24.33
CA ARG A 44 2.01 -6.91 24.69
C ARG A 44 0.74 -7.63 25.12
N THR A 45 0.59 -8.93 24.87
CA THR A 45 -0.62 -9.65 25.26
C THR A 45 -0.39 -10.65 26.40
N ARG A 46 0.87 -11.00 26.68
CA ARG A 46 1.27 -11.93 27.73
C ARG A 46 0.89 -13.38 27.42
N VAL A 47 0.29 -13.62 26.25
CA VAL A 47 -0.03 -14.96 25.81
C VAL A 47 1.28 -15.66 25.50
N THR A 48 1.39 -16.94 25.87
CA THR A 48 2.58 -17.72 25.62
C THR A 48 2.23 -19.00 24.87
N ASN A 49 0.94 -19.28 24.68
CA ASN A 49 0.55 -20.37 23.79
C ASN A 49 0.90 -20.03 22.34
N THR A 50 1.75 -20.83 21.68
CA THR A 50 2.25 -20.47 20.35
C THR A 50 1.15 -20.55 19.29
N GLU A 51 0.32 -21.58 19.34
CA GLU A 51 -0.65 -21.71 18.28
C GLU A 51 -1.60 -20.50 18.35
N GLN A 52 -2.00 -20.07 19.55
CA GLN A 52 -2.89 -18.92 19.67
C GLN A 52 -2.22 -17.67 19.14
N LEU A 53 -0.96 -17.46 19.51
CA LEU A 53 -0.19 -16.33 19.01
C LEU A 53 -0.17 -16.32 17.49
N VAL A 54 0.05 -17.46 16.84
CA VAL A 54 0.24 -17.43 15.39
C VAL A 54 -1.07 -17.18 14.68
N PHE A 55 -2.18 -17.64 15.27
CA PHE A 55 -3.50 -17.33 14.73
C PHE A 55 -3.82 -15.82 14.77
N ILE A 56 -3.53 -15.20 15.90
CA ILE A 56 -3.77 -13.78 16.10
C ILE A 56 -2.82 -12.98 15.22
N ALA A 57 -1.57 -13.43 15.10
CA ALA A 57 -0.62 -12.73 14.24
C ALA A 57 -1.08 -12.75 12.79
N ALA A 58 -1.59 -13.91 12.33
CA ALA A 58 -2.07 -14.09 10.98
C ALA A 58 -3.30 -13.20 10.72
N LEU A 59 -4.19 -13.10 11.70
CA LEU A 59 -5.35 -12.20 11.54
C LEU A 59 -4.91 -10.74 11.47
N ASN A 60 -3.98 -10.34 12.35
CA ASN A 60 -3.46 -8.98 12.32
C ASN A 60 -2.83 -8.68 10.95
N ILE A 61 -2.04 -9.62 10.42
CA ILE A 61 -1.31 -9.32 9.20
C ILE A 61 -2.26 -9.32 7.99
N SER A 62 -3.32 -10.11 8.05
CA SER A 62 -4.35 -10.10 7.05
C SER A 62 -5.02 -8.73 6.97
N TYR A 63 -5.31 -8.19 8.14
CA TYR A 63 -5.93 -6.90 8.22
C TYR A 63 -4.96 -5.79 7.76
N GLU A 64 -3.67 -5.94 8.10
CA GLU A 64 -2.67 -4.98 7.66
C GLU A 64 -2.54 -5.00 6.14
N LEU A 65 -2.65 -6.18 5.50
CA LEU A 65 -2.60 -6.23 4.05
C LEU A 65 -3.83 -5.52 3.44
N THR A 66 -5.02 -5.77 3.98
CA THR A 66 -6.23 -5.08 3.51
C THR A 66 -6.06 -3.57 3.64
N GLN A 67 -5.51 -3.13 4.76
CA GLN A 67 -5.23 -1.71 5.00
C GLN A 67 -4.23 -1.16 3.99
N GLU A 68 -3.21 -1.90 3.61
CA GLU A 68 -2.25 -1.41 2.65
C GLU A 68 -2.85 -1.31 1.26
N LYS A 69 -3.72 -2.25 0.93
CA LYS A 69 -4.34 -2.23 -0.37
C LYS A 69 -5.28 -1.04 -0.48
N ALA A 70 -5.85 -0.61 0.62
CA ALA A 70 -6.71 0.56 0.63
C ALA A 70 -5.88 1.80 0.44
N LYS A 71 -4.70 1.83 1.04
CA LYS A 71 -3.79 2.94 0.85
C LYS A 71 -3.41 3.02 -0.63
N THR A 72 -3.14 1.89 -1.25
CA THR A 72 -2.82 1.85 -2.66
C THR A 72 -3.98 2.38 -3.49
N ARG A 73 -5.18 1.91 -3.20
CA ARG A 73 -6.35 2.36 -3.93
C ARG A 73 -6.58 3.84 -3.75
N ASP A 74 -6.40 4.31 -2.53
CA ASP A 74 -6.60 5.72 -2.23
C ASP A 74 -5.58 6.62 -2.91
N TYR A 75 -4.32 6.21 -2.92
CA TYR A 75 -3.30 6.96 -3.61
C TYR A 75 -3.62 7.07 -5.08
N ALA A 76 -4.05 5.97 -5.67
CA ALA A 76 -4.42 5.96 -7.08
C ALA A 76 -5.61 6.85 -7.41
N SER A 77 -6.64 6.78 -6.59
CA SER A 77 -7.81 7.61 -6.78
C SER A 77 -7.39 9.08 -6.70
N SER A 78 -6.48 9.42 -5.81
CA SER A 78 -6.06 10.81 -5.64
C SER A 78 -5.25 11.27 -6.83
N MET A 79 -4.38 10.42 -7.34
CA MET A 79 -3.59 10.73 -8.51
C MET A 79 -4.44 10.92 -9.77
N GLU A 80 -5.47 10.10 -9.96
CA GLU A 80 -6.34 10.31 -11.10
C GLU A 80 -6.90 11.72 -11.05
N GLN A 81 -7.40 12.11 -9.88
CA GLN A 81 -7.92 13.46 -9.72
C GLN A 81 -6.88 14.55 -9.99
N ARG A 82 -5.66 14.36 -9.53
CA ARG A 82 -4.62 15.35 -9.72
C ARG A 82 -4.28 15.49 -11.18
N ILE A 83 -4.30 14.38 -11.89
CA ILE A 83 -4.03 14.40 -13.30
C ILE A 83 -5.13 15.14 -14.04
N ARG A 84 -6.37 14.87 -13.70
CA ARG A 84 -7.47 15.57 -14.30
C ARG A 84 -7.37 17.06 -14.01
N MET A 85 -6.94 17.40 -12.82
CA MET A 85 -6.82 18.80 -12.45
C MET A 85 -5.74 19.45 -13.28
N LEU A 86 -4.65 18.74 -13.50
CA LEU A 86 -3.60 19.26 -14.36
C LEU A 86 -4.13 19.44 -15.77
N GLN A 87 -4.85 18.44 -16.29
CA GLN A 87 -5.38 18.50 -17.66
C GLN A 87 -6.33 19.69 -17.79
N GLN A 88 -7.13 19.93 -16.76
CA GLN A 88 -8.03 21.09 -16.77
C GLN A 88 -7.30 22.43 -16.80
N THR A 89 -6.16 22.55 -16.13
CA THR A 89 -5.37 23.77 -16.25
C THR A 89 -4.80 23.97 -17.66
N ILE A 90 -4.40 22.90 -18.35
CA ILE A 90 -4.03 23.00 -19.75
C ILE A 90 -5.19 23.48 -20.61
N GLU A 91 -6.37 22.86 -20.42
CA GLU A 91 -7.54 23.27 -21.20
C GLU A 91 -7.89 24.74 -20.97
N GLN A 92 -7.78 25.21 -19.71
CA GLN A 92 -8.03 26.61 -19.39
C GLN A 92 -7.00 27.54 -20.01
N ALA A 93 -5.74 27.10 -20.04
CA ALA A 93 -4.68 27.84 -20.72
C ALA A 93 -5.03 28.05 -22.19
N LEU A 94 -5.51 27.00 -22.88
CA LEU A 94 -5.86 27.13 -24.29
C LEU A 94 -7.10 28.00 -24.50
N LEU A 95 -8.13 27.81 -23.70
CA LEU A 95 -9.32 28.64 -23.78
C LEU A 95 -8.98 30.12 -23.60
N GLU A 96 -8.16 30.44 -22.60
CA GLU A 96 -7.78 31.83 -22.32
C GLU A 96 -7.00 32.44 -23.49
N GLN A 97 -5.98 31.73 -23.93
CA GLN A 97 -5.19 32.12 -25.09
C GLN A 97 -6.10 32.48 -26.27
N GLY A 98 -7.05 31.61 -26.59
CA GLY A 98 -8.05 31.83 -27.63
C GLY A 98 -8.92 33.06 -27.37
N ARG A 99 -9.45 33.19 -26.15
CA ARG A 99 -10.32 34.29 -25.78
C ARG A 99 -9.61 35.63 -26.02
N ILE A 100 -8.35 35.71 -25.66
CA ILE A 100 -7.65 36.99 -25.72
C ILE A 100 -7.18 37.24 -27.15
N SER A 101 -6.64 36.19 -27.77
CA SER A 101 -6.01 36.32 -29.08
C SER A 101 -7.01 36.66 -30.18
N GLU A 102 -8.26 36.19 -30.05
CA GLU A 102 -9.27 36.40 -31.07
C GLU A 102 -10.00 37.72 -30.83
N ARG A 103 -9.52 38.50 -29.84
CA ARG A 103 -10.17 39.76 -29.54
C ARG A 103 -10.18 40.59 -30.83
N PRO A 104 -11.37 41.04 -31.30
CA PRO A 104 -11.44 41.91 -32.48
C PRO A 104 -10.96 43.30 -32.13
N GLY A 105 -10.15 43.88 -33.03
CA GLY A 105 -9.66 45.24 -32.87
C GLY A 105 -10.78 46.24 -33.13
N SER A 106 -10.58 47.47 -32.63
CA SER A 106 -11.48 48.57 -32.92
C SER A 106 -10.71 49.68 -33.61
N LYS A 107 -11.46 50.52 -34.32
CA LYS A 107 -10.93 51.73 -34.92
C LYS A 107 -11.98 52.81 -34.79
N PHE A 108 -11.59 54.09 -34.99
CA PHE A 108 -12.56 55.15 -34.96
C PHE A 108 -13.30 55.24 -36.30
N GLU A 109 -12.55 55.21 -37.39
CA GLU A 109 -13.10 55.35 -38.74
C GLU A 109 -12.37 54.43 -39.73
N SER B 2 -13.48 0.14 23.50
CA SER B 2 -13.19 -0.86 24.56
C SER B 2 -13.23 -2.29 23.98
N ALA B 3 -12.08 -2.95 23.99
CA ALA B 3 -11.95 -4.26 23.39
C ALA B 3 -12.74 -5.28 24.22
N GLN B 4 -13.53 -6.11 23.52
CA GLN B 4 -14.27 -7.22 24.09
C GLN B 4 -13.84 -8.50 23.37
N PRO B 5 -13.82 -9.66 24.07
CA PRO B 5 -13.48 -10.92 23.42
C PRO B 5 -14.51 -11.28 22.35
N VAL B 6 -14.04 -11.78 21.21
CA VAL B 6 -14.86 -12.26 20.12
C VAL B 6 -14.46 -13.69 19.86
N ASP B 7 -15.43 -14.60 19.83
CA ASP B 7 -15.17 -15.97 19.46
C ASP B 7 -15.20 -16.10 17.95
N LEU B 8 -14.12 -16.64 17.38
CA LEU B 8 -14.08 -16.89 15.95
C LEU B 8 -13.88 -18.38 15.73
N GLN B 9 -14.25 -18.80 14.52
CA GLN B 9 -13.99 -20.12 13.96
C GLN B 9 -12.99 -19.94 12.81
N ILE B 10 -11.76 -20.47 12.95
CA ILE B 10 -10.73 -20.40 11.93
C ILE B 10 -10.27 -21.82 11.66
N PHE B 11 -10.63 -22.35 10.49
CA PHE B 11 -10.13 -23.64 10.02
C PHE B 11 -10.26 -24.74 11.08
N GLY B 12 -11.44 -24.86 11.66
CA GLY B 12 -11.71 -25.96 12.57
C GLY B 12 -11.40 -25.64 14.03
N ARG B 13 -10.82 -24.48 14.27
CA ARG B 13 -10.25 -24.11 15.56
C ARG B 13 -11.08 -22.95 16.11
N SER B 14 -11.57 -23.09 17.33
CA SER B 14 -12.20 -21.95 18.02
C SER B 14 -11.13 -21.00 18.56
N LEU B 15 -11.28 -19.69 18.36
CA LEU B 15 -10.24 -18.75 18.69
C LEU B 15 -10.91 -17.54 19.32
N ARG B 16 -10.36 -17.05 20.42
CA ARG B 16 -10.87 -15.87 21.05
C ARG B 16 -9.96 -14.70 20.79
N VAL B 17 -10.51 -13.63 20.26
CA VAL B 17 -9.74 -12.47 19.96
C VAL B 17 -10.38 -11.25 20.58
N ASN B 18 -9.57 -10.43 21.21
CA ASN B 18 -10.07 -9.21 21.80
C ASN B 18 -10.16 -8.17 20.69
N CYS B 19 -11.31 -7.55 20.53
CA CYS B 19 -11.52 -6.61 19.45
C CYS B 19 -12.56 -5.58 19.80
N PRO B 20 -12.26 -4.33 19.52
CA PRO B 20 -13.25 -3.27 19.73
C PRO B 20 -14.36 -3.30 18.66
N PRO B 21 -15.62 -3.00 19.05
CA PRO B 21 -16.71 -3.08 18.07
C PRO B 21 -16.48 -2.29 16.77
N GLU B 22 -15.67 -1.22 16.84
CA GLU B 22 -15.44 -0.42 15.64
C GLU B 22 -14.61 -1.21 14.63
N GLN B 23 -13.97 -2.32 15.08
CA GLN B 23 -13.18 -3.15 14.17
C GLN B 23 -13.82 -4.52 13.93
N ARG B 24 -15.05 -4.77 14.39
CA ARG B 24 -15.66 -6.08 14.29
C ARG B 24 -15.82 -6.53 12.84
N ASP B 25 -16.24 -5.62 11.95
CA ASP B 25 -16.40 -5.98 10.53
C ASP B 25 -15.05 -6.36 9.93
N ALA B 26 -13.99 -5.62 10.27
CA ALA B 26 -12.63 -5.92 9.78
C ALA B 26 -12.16 -7.27 10.29
N LEU B 27 -12.51 -7.60 11.55
CA LEU B 27 -12.19 -8.90 12.08
C LEU B 27 -12.89 -10.01 11.31
N ASN B 28 -14.18 -9.84 11.04
CA ASN B 28 -14.90 -10.85 10.27
C ASN B 28 -14.26 -11.03 8.90
N GLN B 29 -13.85 -9.92 8.28
CA GLN B 29 -13.23 -9.94 6.97
C GLN B 29 -11.86 -10.62 7.02
N ALA B 30 -11.07 -10.35 8.04
CA ALA B 30 -9.79 -11.05 8.24
C ALA B 30 -10.00 -12.55 8.44
N ALA B 31 -11.03 -12.95 9.23
CA ALA B 31 -11.32 -14.34 9.48
C ALA B 31 -11.72 -15.05 8.17
N GLU B 32 -12.46 -14.34 7.34
CA GLU B 32 -12.89 -14.88 6.07
C GLU B 32 -11.68 -15.08 5.13
N ASP B 33 -10.80 -14.08 5.09
CA ASP B 33 -9.60 -14.09 4.26
C ASP B 33 -8.67 -15.21 4.71
N LEU B 34 -8.44 -15.35 6.03
CA LEU B 34 -7.54 -16.37 6.54
C LEU B 34 -8.15 -17.76 6.32
N ASN B 35 -9.46 -17.92 6.56
CA ASN B 35 -10.12 -19.21 6.31
C ASN B 35 -9.91 -19.67 4.86
N GLN B 36 -10.14 -18.79 3.88
CA GLN B 36 -9.98 -19.10 2.46
C GLN B 36 -8.53 -19.44 2.14
N ARG B 37 -7.57 -18.62 2.65
CA ARG B 37 -6.16 -18.95 2.49
C ARG B 37 -5.78 -20.33 3.04
N LEU B 38 -6.28 -20.70 4.22
CA LEU B 38 -5.88 -21.94 4.85
C LEU B 38 -6.47 -23.09 4.04
N GLN B 39 -7.65 -22.92 3.49
CA GLN B 39 -8.25 -23.98 2.73
C GLN B 39 -7.51 -24.22 1.45
N ASP B 40 -7.21 -23.15 0.76
CA ASP B 40 -6.50 -23.25 -0.49
C ASP B 40 -5.13 -23.83 -0.28
N LEU B 41 -4.48 -23.41 0.80
CA LEU B 41 -3.17 -23.92 1.12
C LEU B 41 -3.16 -25.40 1.42
N LYS B 42 -4.14 -25.86 2.16
CA LYS B 42 -4.21 -27.27 2.48
C LYS B 42 -4.37 -28.07 1.19
N GLU B 43 -5.19 -27.61 0.27
CA GLU B 43 -5.29 -28.30 -1.00
C GLU B 43 -4.01 -28.30 -1.81
N ARG B 44 -3.32 -27.17 -1.86
CA ARG B 44 -2.02 -27.05 -2.54
C ARG B 44 -0.95 -27.91 -1.89
N THR B 45 -0.95 -27.99 -0.57
CA THR B 45 0.05 -28.73 0.16
C THR B 45 -0.56 -29.99 0.72
N ASN B 49 -1.14 -30.49 9.68
CA ASN B 49 -1.03 -29.79 10.98
C ASN B 49 -1.55 -28.35 10.82
N THR B 50 -2.57 -27.95 11.62
CA THR B 50 -3.19 -26.65 11.45
C THR B 50 -2.20 -25.53 11.79
N GLU B 51 -1.46 -25.65 12.91
CA GLU B 51 -0.54 -24.63 13.35
C GLU B 51 0.50 -24.34 12.27
N GLN B 52 1.05 -25.39 11.64
CA GLN B 52 2.05 -25.23 10.60
C GLN B 52 1.45 -24.56 9.37
N LEU B 53 0.22 -24.92 9.03
CA LEU B 53 -0.49 -24.32 7.93
C LEU B 53 -0.65 -22.81 8.17
N VAL B 54 -0.89 -22.42 9.42
CA VAL B 54 -1.11 -21.01 9.75
C VAL B 54 0.23 -20.25 9.68
N PHE B 55 1.33 -20.87 10.13
CA PHE B 55 2.63 -20.24 9.95
C PHE B 55 2.90 -19.95 8.48
N ILE B 56 2.63 -20.93 7.60
CA ILE B 56 2.88 -20.81 6.19
C ILE B 56 1.99 -19.73 5.56
N ALA B 57 0.70 -19.72 5.94
CA ALA B 57 -0.21 -18.67 5.46
C ALA B 57 0.31 -17.31 5.92
N ALA B 58 0.78 -17.19 7.17
CA ALA B 58 1.25 -15.91 7.65
C ALA B 58 2.51 -15.47 6.88
N LEU B 59 3.40 -16.42 6.52
CA LEU B 59 4.57 -16.11 5.67
C LEU B 59 4.15 -15.54 4.33
N ASN B 60 3.13 -16.14 3.69
CA ASN B 60 2.64 -15.71 2.40
C ASN B 60 2.09 -14.28 2.53
N ILE B 61 1.28 -14.04 3.58
CA ILE B 61 0.70 -12.72 3.75
C ILE B 61 1.79 -11.70 4.01
N SER B 62 2.79 -12.05 4.85
CA SER B 62 3.94 -11.17 5.06
C SER B 62 4.57 -10.71 3.73
N TYR B 63 4.82 -11.67 2.84
CA TYR B 63 5.44 -11.40 1.54
C TYR B 63 4.52 -10.52 0.67
N GLU B 64 3.22 -10.83 0.65
CA GLU B 64 2.26 -9.99 -0.08
C GLU B 64 2.24 -8.57 0.47
N LEU B 65 2.30 -8.41 1.79
CA LEU B 65 2.26 -7.08 2.40
C LEU B 65 3.54 -6.32 2.05
N THR B 66 4.70 -7.01 2.09
CA THR B 66 5.96 -6.40 1.64
C THR B 66 5.84 -5.91 0.19
N GLN B 67 5.19 -6.70 -0.66
CA GLN B 67 5.03 -6.36 -2.05
C GLN B 67 4.07 -5.19 -2.22
N GLU B 68 3.06 -5.13 -1.35
CA GLU B 68 2.10 -4.02 -1.43
C GLU B 68 2.77 -2.70 -1.00
N LYS B 69 3.62 -2.78 0.01
CA LYS B 69 4.39 -1.65 0.48
C LYS B 69 5.35 -1.18 -0.61
N ALA B 70 5.89 -2.09 -1.43
CA ALA B 70 6.84 -1.68 -2.46
C ALA B 70 6.09 -0.88 -3.54
N LYS B 71 4.82 -1.22 -3.77
CA LYS B 71 3.97 -0.46 -4.67
C LYS B 71 3.74 0.95 -4.17
N THR B 72 3.48 1.14 -2.86
CA THR B 72 3.33 2.45 -2.27
C THR B 72 4.60 3.25 -2.51
N ARG B 73 5.76 2.62 -2.20
CA ARG B 73 7.06 3.27 -2.33
C ARG B 73 7.29 3.69 -3.79
N ASP B 74 6.94 2.83 -4.72
CA ASP B 74 7.20 3.06 -6.14
C ASP B 74 6.29 4.14 -6.70
N TYR B 75 5.04 4.21 -6.24
CA TYR B 75 4.19 5.35 -6.57
C TYR B 75 4.76 6.66 -6.05
N ALA B 76 5.26 6.68 -4.81
CA ALA B 76 5.80 7.88 -4.22
C ALA B 76 7.04 8.34 -5.00
N SER B 77 7.95 7.42 -5.35
CA SER B 77 9.18 7.75 -6.06
C SER B 77 8.84 8.35 -7.42
N SER B 78 7.88 7.70 -8.08
CA SER B 78 7.46 8.15 -9.40
C SER B 78 6.86 9.55 -9.34
N MET B 79 6.10 9.82 -8.30
CA MET B 79 5.50 11.12 -8.17
C MET B 79 6.51 12.20 -7.81
N GLU B 80 7.56 11.86 -7.08
CA GLU B 80 8.60 12.81 -6.79
C GLU B 80 9.14 13.35 -8.09
N GLN B 81 9.31 12.46 -9.08
CA GLN B 81 9.82 12.89 -10.38
C GLN B 81 8.80 13.77 -11.08
N ARG B 82 7.55 13.40 -11.02
CA ARG B 82 6.52 14.16 -11.70
C ARG B 82 6.44 15.56 -11.13
N ILE B 83 6.53 15.67 -9.81
CA ILE B 83 6.48 16.98 -9.17
C ILE B 83 7.68 17.82 -9.57
N ARG B 84 8.87 17.18 -9.67
CA ARG B 84 10.03 17.93 -10.06
C ARG B 84 9.85 18.44 -11.49
N MET B 85 9.25 17.59 -12.32
CA MET B 85 8.98 17.98 -13.70
C MET B 85 8.01 19.17 -13.79
N LEU B 86 6.93 19.18 -12.99
CA LEU B 86 6.00 20.28 -12.95
C LEU B 86 6.66 21.54 -12.38
N GLN B 87 7.49 21.38 -11.35
CA GLN B 87 8.10 22.55 -10.73
C GLN B 87 9.03 23.23 -11.72
N GLN B 88 9.75 22.42 -12.52
CA GLN B 88 10.63 22.94 -13.55
C GLN B 88 9.85 23.73 -14.61
N THR B 89 8.65 23.27 -14.97
CA THR B 89 7.76 23.97 -15.90
C THR B 89 7.29 25.31 -15.35
N ILE B 90 6.94 25.37 -14.07
CA ILE B 90 6.55 26.59 -13.41
C ILE B 90 7.71 27.58 -13.40
N GLU B 91 8.92 27.13 -13.06
CA GLU B 91 10.08 27.99 -12.95
C GLU B 91 10.38 28.57 -14.31
N GLN B 92 10.26 27.78 -15.35
CA GLN B 92 10.49 28.30 -16.70
C GLN B 92 9.46 29.30 -17.17
N ALA B 93 8.19 29.05 -16.88
CA ALA B 93 7.15 29.99 -17.23
C ALA B 93 7.38 31.34 -16.60
N LEU B 94 7.79 31.34 -15.35
CA LEU B 94 8.05 32.59 -14.66
C LEU B 94 9.21 33.30 -15.27
N LEU B 95 10.21 32.53 -15.67
CA LEU B 95 11.40 33.12 -16.23
C LEU B 95 11.09 33.73 -17.57
N GLU B 96 10.29 33.04 -18.34
CA GLU B 96 9.96 33.52 -19.67
C GLU B 96 9.12 34.79 -19.60
N GLN B 97 8.21 34.84 -18.66
CA GLN B 97 7.40 36.02 -18.47
C GLN B 97 8.26 37.21 -18.21
N GLY B 98 9.21 37.07 -17.31
CA GLY B 98 10.12 38.14 -17.05
C GLY B 98 10.94 38.56 -18.25
N ARG B 99 11.41 37.60 -19.02
CA ARG B 99 12.25 37.90 -20.17
C ARG B 99 11.50 38.66 -21.22
N ILE B 100 10.28 38.28 -21.48
CA ILE B 100 9.51 38.94 -22.51
C ILE B 100 9.01 40.28 -22.01
N SER B 101 8.43 40.30 -20.82
CA SER B 101 7.87 41.53 -20.26
C SER B 101 8.87 42.64 -20.07
N GLU B 102 10.13 42.31 -20.00
CA GLU B 102 11.12 43.31 -19.72
C GLU B 102 11.88 43.83 -20.92
N ARG B 103 11.49 43.45 -22.12
CA ARG B 103 12.31 43.91 -23.24
C ARG B 103 12.08 45.41 -23.44
N PRO B 104 13.16 46.20 -23.65
CA PRO B 104 13.00 47.63 -23.96
C PRO B 104 12.42 47.80 -25.36
N GLY B 105 11.56 48.81 -25.54
CA GLY B 105 11.07 49.17 -26.86
C GLY B 105 12.13 49.98 -27.60
N SER B 106 11.99 50.09 -28.92
CA SER B 106 12.78 51.02 -29.72
C SER B 106 11.89 52.06 -30.38
N LYS B 107 12.49 53.17 -30.81
CA LYS B 107 11.80 54.07 -31.73
C LYS B 107 12.83 54.54 -32.74
N PHE B 108 12.36 55.15 -33.82
CA PHE B 108 13.27 55.60 -34.87
C PHE B 108 13.98 56.90 -34.48
N GLU B 109 13.19 57.89 -34.03
CA GLU B 109 13.65 59.26 -33.85
C GLU B 109 12.75 59.97 -32.81
#